data_1QCG
#
_entry.id   1QCG
#
_cell.length_a   48.680
_cell.length_b   49.090
_cell.length_c   64.560
_cell.angle_alpha   67.950
_cell.angle_beta   82.900
_cell.angle_gamma   65.370
#
_symmetry.space_group_name_H-M   'P 1'
#
loop_
_entity.id
_entity.type
_entity.pdbx_description
1 polymer 'POKEWEED ANTIVIRAL PROTEIN'
2 water water
#
_entity_poly.entity_id   1
_entity_poly.type   'polypeptide(L)'
_entity_poly.pdbx_seq_one_letter_code
;VNTIIYNVGSTTISKYATFLNDLRNEAKDPSLKCYGIPMLPNTNTNPKYVLVELQGSNKKTITLMLRRNNLYVMGYSDPF
ETNKCRYHIFNDISGTERQDVETTLCPNANSRVSKNINFDSRYPTLESKAGVKSRSQVQLGIQILDSNIGKISGVMSFTE
KTEAEFLLVAIQMVSEAARFKYIENQVKTNFNRAFNPNPKVLNLQETWGKISTAIHDAKNGVLPKPLELVDASGAKWIVL
RVDEIKPDVALLNYVGGSCQTT
;
_entity_poly.pdbx_strand_id   A,B
#
# COMPACT_ATOMS: atom_id res chain seq x y z
N VAL A 1 10.44 -7.85 -21.15
CA VAL A 1 9.07 -7.29 -21.04
C VAL A 1 8.31 -7.56 -22.32
N ASN A 2 7.15 -8.20 -22.18
CA ASN A 2 6.30 -8.52 -23.32
C ASN A 2 5.14 -7.52 -23.37
N THR A 3 4.63 -7.29 -24.57
CA THR A 3 3.51 -6.37 -24.74
C THR A 3 2.33 -7.10 -25.35
N ILE A 4 1.16 -6.80 -24.81
CA ILE A 4 -0.10 -7.38 -25.26
C ILE A 4 -0.72 -6.33 -26.17
N ILE A 5 -0.94 -6.71 -27.42
CA ILE A 5 -1.52 -5.79 -28.39
C ILE A 5 -3.03 -5.97 -28.51
N TYR A 6 -3.77 -4.91 -28.25
CA TYR A 6 -5.23 -4.93 -28.32
C TYR A 6 -5.75 -3.89 -29.30
N ASN A 7 -6.42 -4.35 -30.33
CA ASN A 7 -6.98 -3.47 -31.35
C ASN A 7 -8.31 -2.94 -30.83
N VAL A 8 -8.30 -1.71 -30.32
CA VAL A 8 -9.51 -1.07 -29.80
C VAL A 8 -10.49 -0.67 -30.93
N GLY A 9 -9.96 -0.13 -32.02
CA GLY A 9 -10.79 0.30 -33.14
C GLY A 9 -11.69 -0.75 -33.78
N SER A 10 -11.25 -2.00 -33.77
CA SER A 10 -12.03 -3.07 -34.36
C SER A 10 -11.94 -4.32 -33.50
N THR A 11 -13.01 -4.60 -32.76
CA THR A 11 -13.04 -5.73 -31.85
C THR A 11 -14.39 -6.41 -31.73
N THR A 12 -14.41 -7.44 -30.88
CA THR A 12 -15.58 -8.24 -30.55
C THR A 12 -15.39 -8.59 -29.08
N ILE A 13 -16.44 -9.09 -28.41
CA ILE A 13 -16.33 -9.47 -27.00
C ILE A 13 -15.36 -10.63 -26.83
N SER A 14 -15.20 -11.40 -27.90
CA SER A 14 -14.31 -12.56 -27.90
C SER A 14 -12.85 -12.10 -27.92
N LYS A 15 -12.59 -11.05 -28.69
CA LYS A 15 -11.24 -10.52 -28.79
C LYS A 15 -10.87 -9.76 -27.53
N TYR A 16 -11.88 -9.18 -26.88
CA TYR A 16 -11.65 -8.46 -25.63
C TYR A 16 -11.25 -9.49 -24.59
N ALA A 17 -11.98 -10.62 -24.56
CA ALA A 17 -11.73 -11.71 -23.64
C ALA A 17 -10.35 -12.33 -23.83
N THR A 18 -9.93 -12.48 -25.08
CA THR A 18 -8.63 -13.04 -25.42
C THR A 18 -7.53 -12.10 -24.92
N PHE A 19 -7.77 -10.80 -25.08
CA PHE A 19 -6.86 -9.75 -24.64
C PHE A 19 -6.58 -9.89 -23.14
N LEU A 20 -7.65 -9.89 -22.35
CA LEU A 20 -7.54 -10.01 -20.91
C LEU A 20 -6.90 -11.33 -20.46
N ASN A 21 -7.20 -12.41 -21.18
CA ASN A 21 -6.62 -13.71 -20.84
C ASN A 21 -5.10 -13.69 -21.05
N ASP A 22 -4.67 -12.99 -22.10
CA ASP A 22 -3.27 -12.84 -22.43
C ASP A 22 -2.57 -11.93 -21.43
N LEU A 23 -3.26 -10.88 -21.00
CA LEU A 23 -2.69 -9.94 -20.03
C LEU A 23 -2.53 -10.59 -18.67
N ARG A 24 -3.51 -11.40 -18.27
CA ARG A 24 -3.49 -12.09 -17.00
C ARG A 24 -2.41 -13.15 -16.99
N ASN A 25 -2.26 -13.84 -18.13
CA ASN A 25 -1.26 -14.90 -18.28
C ASN A 25 0.18 -14.38 -18.24
N GLU A 26 0.36 -13.15 -18.68
CA GLU A 26 1.67 -12.52 -18.73
C GLU A 26 2.00 -11.81 -17.40
N ALA A 27 0.99 -11.26 -16.75
CA ALA A 27 1.16 -10.54 -15.50
C ALA A 27 1.35 -11.47 -14.31
N LYS A 28 0.53 -12.52 -14.24
CA LYS A 28 0.58 -13.47 -13.13
C LYS A 28 1.91 -14.20 -12.95
N ASP A 29 2.17 -14.61 -11.71
CA ASP A 29 3.37 -15.36 -11.42
C ASP A 29 3.11 -16.73 -12.03
N PRO A 30 4.15 -17.39 -12.54
CA PRO A 30 3.95 -18.71 -13.14
C PRO A 30 3.37 -19.79 -12.23
N SER A 31 3.58 -19.68 -10.92
CA SER A 31 3.08 -20.71 -10.00
C SER A 31 2.32 -20.23 -8.78
N LEU A 32 2.51 -18.98 -8.39
CA LEU A 32 1.84 -18.41 -7.21
C LEU A 32 0.32 -18.30 -7.37
N LYS A 33 -0.40 -18.87 -6.41
CA LYS A 33 -1.86 -18.82 -6.39
C LYS A 33 -2.45 -19.32 -5.08
N CYS A 34 -3.63 -18.81 -4.75
CA CYS A 34 -4.33 -19.21 -3.52
C CYS A 34 -5.78 -19.54 -3.86
N TYR A 35 -6.22 -20.73 -3.45
CA TYR A 35 -7.58 -21.20 -3.70
C TYR A 35 -7.90 -21.30 -5.19
N GLY A 36 -6.88 -21.65 -5.97
CA GLY A 36 -7.03 -21.80 -7.40
C GLY A 36 -7.03 -20.50 -8.19
N ILE A 37 -6.79 -19.39 -7.50
CA ILE A 37 -6.78 -18.08 -8.16
C ILE A 37 -5.33 -17.63 -8.29
N PRO A 38 -4.87 -17.38 -9.54
CA PRO A 38 -3.49 -16.94 -9.75
C PRO A 38 -3.21 -15.61 -9.06
N MET A 39 -1.98 -15.48 -8.58
CA MET A 39 -1.54 -14.29 -7.88
C MET A 39 -0.40 -13.64 -8.63
N LEU A 40 -0.29 -12.33 -8.47
CA LEU A 40 0.76 -11.55 -9.11
C LEU A 40 2.12 -11.89 -8.47
N PRO A 41 3.22 -11.64 -9.20
CA PRO A 41 4.55 -11.96 -8.66
C PRO A 41 5.15 -11.01 -7.62
N ASN A 42 6.15 -11.54 -6.92
CA ASN A 42 6.91 -10.80 -5.92
C ASN A 42 7.60 -9.69 -6.69
N THR A 43 7.81 -8.53 -6.05
CA THR A 43 8.45 -7.40 -6.70
C THR A 43 9.79 -7.64 -7.44
N ASN A 44 10.58 -8.61 -7.00
CA ASN A 44 11.85 -8.85 -7.69
C ASN A 44 11.85 -9.98 -8.69
N THR A 45 10.67 -10.43 -9.08
CA THR A 45 10.59 -11.46 -10.10
C THR A 45 10.70 -10.67 -11.40
N ASN A 46 11.49 -11.18 -12.33
CA ASN A 46 11.67 -10.51 -13.61
C ASN A 46 10.95 -11.30 -14.70
N PRO A 47 10.36 -10.60 -15.69
CA PRO A 47 10.34 -9.14 -15.79
C PRO A 47 9.40 -8.53 -14.77
N LYS A 48 9.65 -7.29 -14.41
CA LYS A 48 8.82 -6.62 -13.44
C LYS A 48 7.64 -5.92 -14.09
N TYR A 49 7.66 -5.86 -15.43
CA TYR A 49 6.62 -5.16 -16.15
C TYR A 49 5.98 -5.90 -17.31
N VAL A 50 4.89 -5.32 -17.79
CA VAL A 50 4.15 -5.85 -18.93
C VAL A 50 3.55 -4.62 -19.61
N LEU A 51 3.65 -4.59 -20.93
CA LEU A 51 3.14 -3.48 -21.71
C LEU A 51 1.82 -3.84 -22.40
N VAL A 52 0.95 -2.85 -22.58
CA VAL A 52 -0.34 -3.06 -23.23
C VAL A 52 -0.48 -2.03 -24.36
N GLU A 53 -0.34 -2.49 -25.59
CA GLU A 53 -0.48 -1.60 -26.73
C GLU A 53 -1.94 -1.51 -27.16
N LEU A 54 -2.54 -0.34 -26.94
CA LEU A 54 -3.94 -0.08 -27.27
C LEU A 54 -4.03 0.64 -28.62
N GLN A 55 -4.35 -0.12 -29.67
CA GLN A 55 -4.47 0.42 -31.02
C GLN A 55 -5.87 0.96 -31.33
N GLY A 56 -6.01 2.27 -31.36
CA GLY A 56 -7.30 2.88 -31.63
C GLY A 56 -7.49 3.25 -33.10
N SER A 57 -8.67 3.79 -33.42
CA SER A 57 -9.01 4.21 -34.77
C SER A 57 -8.15 5.38 -35.22
N ASN A 58 -8.05 5.55 -36.53
CA ASN A 58 -7.29 6.63 -37.15
C ASN A 58 -5.80 6.59 -36.78
N LYS A 59 -5.23 5.39 -36.78
CA LYS A 59 -3.83 5.19 -36.46
C LYS A 59 -3.38 5.84 -35.15
N LYS A 60 -4.28 5.93 -34.18
CA LYS A 60 -3.94 6.52 -32.88
C LYS A 60 -3.70 5.38 -31.88
N THR A 61 -2.48 5.32 -31.36
CA THR A 61 -2.09 4.27 -30.43
C THR A 61 -1.46 4.82 -29.15
N ILE A 62 -1.69 4.12 -28.03
CA ILE A 62 -1.13 4.47 -26.73
C ILE A 62 -0.73 3.17 -26.05
N THR A 63 0.49 3.12 -25.52
CA THR A 63 0.97 1.92 -24.82
C THR A 63 1.04 2.18 -23.31
N LEU A 64 0.39 1.32 -22.55
CA LEU A 64 0.39 1.41 -21.09
C LEU A 64 1.50 0.53 -20.52
N MET A 65 2.18 1.02 -19.49
CA MET A 65 3.21 0.23 -18.83
C MET A 65 2.64 -0.13 -17.45
N LEU A 66 2.57 -1.43 -17.17
CA LEU A 66 2.03 -1.90 -15.90
C LEU A 66 3.08 -2.67 -15.12
N ARG A 67 3.04 -2.54 -13.80
CA ARG A 67 3.95 -3.27 -12.92
C ARG A 67 3.25 -4.59 -12.64
N ARG A 68 3.91 -5.70 -12.92
CA ARG A 68 3.32 -7.02 -12.71
C ARG A 68 2.91 -7.32 -11.27
N ASN A 69 3.69 -6.85 -10.30
CA ASN A 69 3.45 -7.08 -8.88
C ASN A 69 2.07 -6.63 -8.37
N ASN A 70 1.58 -5.49 -8.87
CA ASN A 70 0.27 -4.98 -8.45
C ASN A 70 -0.66 -4.51 -9.59
N LEU A 71 -0.22 -4.67 -10.83
CA LEU A 71 -0.96 -4.27 -12.03
C LEU A 71 -1.27 -2.80 -12.15
N TYR A 72 -0.56 -1.97 -11.39
CA TYR A 72 -0.79 -0.54 -11.47
C TYR A 72 -0.17 0.02 -12.75
N VAL A 73 -0.85 0.99 -13.36
CA VAL A 73 -0.36 1.64 -14.56
C VAL A 73 0.66 2.68 -14.06
N MET A 74 1.89 2.54 -14.55
CA MET A 74 2.99 3.42 -14.16
C MET A 74 3.13 4.63 -15.05
N GLY A 75 2.56 4.52 -16.25
CA GLY A 75 2.62 5.61 -17.21
C GLY A 75 2.30 5.07 -18.59
N TYR A 76 2.47 5.89 -19.62
CA TYR A 76 2.16 5.41 -20.98
C TYR A 76 2.95 6.16 -22.05
N SER A 77 2.95 5.60 -23.25
CA SER A 77 3.66 6.22 -24.37
C SER A 77 2.75 6.35 -25.58
N ASP A 78 3.05 7.30 -26.45
CA ASP A 78 2.27 7.46 -27.67
C ASP A 78 3.21 7.87 -28.81
N PRO A 79 2.96 7.33 -30.04
CA PRO A 79 3.88 7.74 -31.10
C PRO A 79 3.68 9.25 -31.27
N PHE A 80 4.77 10.01 -31.19
CA PHE A 80 4.65 11.44 -31.26
C PHE A 80 5.45 12.09 -32.37
N GLU A 81 4.88 13.18 -32.88
CA GLU A 81 5.47 13.98 -33.95
C GLU A 81 6.03 13.12 -35.08
N THR A 82 7.24 13.49 -35.51
CA THR A 82 7.92 12.82 -36.58
C THR A 82 7.95 11.29 -36.41
N ASN A 83 8.94 10.83 -35.67
CA ASN A 83 9.14 9.41 -35.43
C ASN A 83 9.56 9.22 -33.98
N LYS A 84 9.08 10.12 -33.12
CA LYS A 84 9.42 10.10 -31.71
C LYS A 84 8.49 9.23 -30.86
N CYS A 85 8.98 8.88 -29.67
CA CYS A 85 8.22 8.07 -28.72
C CYS A 85 8.06 8.98 -27.53
N ARG A 86 6.84 9.43 -27.27
CA ARG A 86 6.61 10.30 -26.11
C ARG A 86 6.16 9.47 -24.92
N TYR A 87 6.96 9.47 -23.86
CA TYR A 87 6.65 8.71 -22.65
C TYR A 87 6.11 9.64 -21.56
N HIS A 88 5.12 9.14 -20.81
CA HIS A 88 4.46 9.92 -19.75
C HIS A 88 4.50 9.11 -18.46
N ILE A 89 5.27 9.60 -17.48
CA ILE A 89 5.39 8.89 -16.21
C ILE A 89 4.49 9.52 -15.15
N PHE A 90 3.82 8.68 -14.37
CA PHE A 90 2.94 9.16 -13.29
C PHE A 90 3.76 9.86 -12.20
N ASN A 91 3.20 10.92 -11.64
CA ASN A 91 3.83 11.72 -10.60
C ASN A 91 4.27 10.88 -9.40
N ASP A 92 3.62 9.74 -9.21
CA ASP A 92 3.93 8.85 -8.10
C ASP A 92 4.94 7.74 -8.40
N ILE A 93 5.69 7.87 -9.49
CA ILE A 93 6.72 6.88 -9.79
C ILE A 93 8.02 7.54 -9.36
N SER A 94 8.81 6.82 -8.56
CA SER A 94 10.05 7.37 -8.05
C SER A 94 11.25 6.46 -8.28
N GLY A 95 12.42 7.01 -7.99
CA GLY A 95 13.68 6.28 -8.11
C GLY A 95 13.99 5.65 -9.44
N THR A 96 14.52 4.44 -9.39
CA THR A 96 14.90 3.69 -10.59
C THR A 96 13.70 3.34 -11.47
N GLU A 97 12.52 3.23 -10.86
CA GLU A 97 11.32 2.89 -11.63
C GLU A 97 11.00 3.97 -12.66
N ARG A 98 11.48 5.19 -12.41
CA ARG A 98 11.27 6.30 -13.33
C ARG A 98 12.07 6.17 -14.62
N GLN A 99 13.33 5.73 -14.53
CA GLN A 99 14.14 5.56 -15.72
C GLN A 99 13.67 4.28 -16.40
N ASP A 100 13.05 3.40 -15.61
CA ASP A 100 12.52 2.15 -16.12
C ASP A 100 11.33 2.39 -17.04
N VAL A 101 10.47 3.34 -16.67
CA VAL A 101 9.29 3.67 -17.49
C VAL A 101 9.78 4.26 -18.80
N GLU A 102 10.79 5.12 -18.69
CA GLU A 102 11.40 5.77 -19.82
C GLU A 102 12.04 4.79 -20.80
N THR A 103 12.94 3.94 -20.30
CA THR A 103 13.64 2.97 -21.15
C THR A 103 12.80 1.77 -21.61
N THR A 104 11.77 1.41 -20.85
CA THR A 104 10.93 0.28 -21.23
C THR A 104 9.93 0.67 -22.31
N LEU A 105 9.26 1.80 -22.10
CA LEU A 105 8.28 2.27 -23.06
C LEU A 105 8.94 2.74 -24.36
N CYS A 106 10.01 3.52 -24.23
CA CYS A 106 10.73 4.05 -25.38
C CYS A 106 12.18 3.57 -25.37
N PRO A 107 12.45 2.33 -25.84
CA PRO A 107 13.82 1.79 -25.85
C PRO A 107 14.88 2.54 -26.67
N ASN A 108 14.44 3.33 -27.65
CA ASN A 108 15.36 4.10 -28.47
C ASN A 108 15.61 5.43 -27.75
N ALA A 109 16.82 5.56 -27.21
CA ALA A 109 17.23 6.74 -26.47
C ALA A 109 17.40 7.95 -27.38
N ASN A 110 17.62 7.68 -28.66
CA ASN A 110 17.82 8.73 -29.65
C ASN A 110 16.53 9.45 -30.09
N SER A 111 15.39 8.79 -29.97
CA SER A 111 14.15 9.42 -30.41
C SER A 111 13.03 9.57 -29.38
N ARG A 112 13.35 9.40 -28.09
CA ARG A 112 12.30 9.53 -27.09
C ARG A 112 12.16 10.94 -26.52
N VAL A 113 10.94 11.27 -26.14
CA VAL A 113 10.65 12.58 -25.57
C VAL A 113 9.70 12.42 -24.38
N SER A 114 9.88 13.28 -23.38
CA SER A 114 9.09 13.21 -22.16
C SER A 114 7.96 14.22 -22.02
N LYS A 115 6.87 13.74 -21.42
CA LYS A 115 5.72 14.56 -21.11
C LYS A 115 5.07 13.91 -19.90
N ASN A 116 5.48 14.38 -18.72
CA ASN A 116 4.99 13.86 -17.45
C ASN A 116 3.50 13.95 -17.23
N ILE A 117 2.99 13.04 -16.40
CA ILE A 117 1.61 13.04 -15.97
C ILE A 117 1.83 13.77 -14.64
N ASN A 118 1.44 15.03 -14.59
CA ASN A 118 1.65 15.88 -13.41
C ASN A 118 0.81 15.65 -12.15
N PHE A 119 0.29 14.45 -12.01
CA PHE A 119 -0.51 14.08 -10.86
C PHE A 119 -0.35 12.57 -10.65
N ASP A 120 -0.62 12.09 -9.44
CA ASP A 120 -0.49 10.68 -9.15
C ASP A 120 -1.69 9.89 -9.66
N SER A 121 -1.61 8.55 -9.58
CA SER A 121 -2.66 7.68 -10.09
C SER A 121 -3.83 7.30 -9.20
N ARG A 122 -3.91 7.88 -8.00
CA ARG A 122 -5.01 7.56 -7.08
C ARG A 122 -6.32 7.93 -7.75
N TYR A 123 -7.34 7.11 -7.55
CA TYR A 123 -8.66 7.40 -8.12
C TYR A 123 -9.16 8.78 -7.70
N PRO A 124 -9.01 9.15 -6.40
CA PRO A 124 -9.49 10.49 -6.03
C PRO A 124 -8.79 11.61 -6.78
N THR A 125 -7.55 11.37 -7.19
CA THR A 125 -6.80 12.37 -7.94
C THR A 125 -7.33 12.44 -9.38
N LEU A 126 -7.51 11.27 -9.97
CA LEU A 126 -8.02 11.16 -11.31
C LEU A 126 -9.42 11.76 -11.40
N GLU A 127 -10.24 11.52 -10.38
CA GLU A 127 -11.60 12.04 -10.37
C GLU A 127 -11.61 13.55 -10.26
N SER A 128 -10.66 14.08 -9.49
CA SER A 128 -10.53 15.52 -9.31
C SER A 128 -10.10 16.18 -10.61
N LYS A 129 -9.16 15.55 -11.30
CA LYS A 129 -8.65 16.09 -12.58
C LYS A 129 -9.73 16.06 -13.64
N ALA A 130 -10.54 15.00 -13.63
CA ALA A 130 -11.64 14.82 -14.58
C ALA A 130 -12.86 15.69 -14.23
N GLY A 131 -12.76 16.43 -13.13
CA GLY A 131 -13.83 17.32 -12.70
C GLY A 131 -15.11 16.61 -12.26
N VAL A 132 -14.98 15.46 -11.60
CA VAL A 132 -16.13 14.70 -11.14
C VAL A 132 -15.96 14.33 -9.66
N LYS A 133 -17.07 14.10 -8.98
CA LYS A 133 -17.04 13.72 -7.57
C LYS A 133 -16.77 12.22 -7.49
N SER A 134 -17.22 11.50 -8.51
CA SER A 134 -17.03 10.05 -8.57
C SER A 134 -16.81 9.61 -10.00
N ARG A 135 -15.99 8.57 -10.17
CA ARG A 135 -15.68 8.03 -11.48
C ARG A 135 -16.91 7.28 -12.03
N SER A 136 -17.97 7.22 -11.22
CA SER A 136 -19.22 6.57 -11.63
C SER A 136 -19.90 7.47 -12.67
N GLN A 137 -19.56 8.76 -12.64
CA GLN A 137 -20.09 9.76 -13.57
C GLN A 137 -19.38 9.72 -14.92
N VAL A 138 -18.26 9.02 -14.97
CA VAL A 138 -17.49 8.88 -16.21
C VAL A 138 -17.77 7.48 -16.80
N GLN A 139 -18.49 7.48 -17.91
CA GLN A 139 -18.85 6.24 -18.57
C GLN A 139 -17.66 5.55 -19.20
N LEU A 140 -17.72 4.23 -19.18
CA LEU A 140 -16.70 3.37 -19.77
C LEU A 140 -17.29 2.85 -21.08
N GLY A 141 -16.45 2.23 -21.90
CA GLY A 141 -16.91 1.69 -23.17
C GLY A 141 -15.81 1.62 -24.18
N ILE A 142 -15.91 0.66 -25.10
CA ILE A 142 -14.93 0.46 -26.16
C ILE A 142 -14.75 1.71 -27.00
N GLN A 143 -15.87 2.26 -27.46
CA GLN A 143 -15.85 3.46 -28.29
C GLN A 143 -15.37 4.67 -27.50
N ILE A 144 -15.64 4.69 -26.19
CA ILE A 144 -15.22 5.78 -25.34
C ILE A 144 -13.70 5.69 -25.18
N LEU A 145 -13.18 4.47 -25.06
CA LEU A 145 -11.74 4.27 -24.92
C LEU A 145 -11.06 4.76 -26.20
N ASP A 146 -11.58 4.30 -27.32
CA ASP A 146 -11.07 4.66 -28.65
C ASP A 146 -10.96 6.16 -28.82
N SER A 147 -12.03 6.86 -28.45
CA SER A 147 -12.12 8.31 -28.53
C SER A 147 -11.11 9.04 -27.64
N ASN A 148 -10.86 8.50 -26.45
CA ASN A 148 -9.93 9.11 -25.52
C ASN A 148 -8.50 8.93 -25.97
N ILE A 149 -8.20 7.79 -26.59
CA ILE A 149 -6.87 7.50 -27.13
C ILE A 149 -6.58 8.56 -28.18
N GLY A 150 -7.56 8.79 -29.07
CA GLY A 150 -7.43 9.78 -30.12
C GLY A 150 -7.31 11.21 -29.66
N LYS A 151 -7.73 11.49 -28.42
CA LYS A 151 -7.63 12.82 -27.86
C LYS A 151 -6.22 13.08 -27.30
N ILE A 152 -5.47 12.00 -27.06
CA ILE A 152 -4.14 12.08 -26.47
C ILE A 152 -2.99 11.74 -27.46
N SER A 153 -3.09 10.57 -28.08
CA SER A 153 -2.09 10.07 -29.01
C SER A 153 -1.70 11.07 -30.10
N GLY A 154 -0.41 11.38 -30.15
CA GLY A 154 0.11 12.32 -31.13
C GLY A 154 -0.20 13.78 -30.90
N VAL A 155 -1.06 14.10 -29.93
CA VAL A 155 -1.42 15.49 -29.69
C VAL A 155 -0.49 16.19 -28.70
N MET A 156 0.15 17.25 -29.17
CA MET A 156 1.09 18.02 -28.37
C MET A 156 0.55 18.46 -27.02
N SER A 157 -0.51 19.26 -27.06
CA SER A 157 -1.12 19.76 -25.84
C SER A 157 -2.53 19.25 -25.67
N PHE A 158 -2.82 18.85 -24.45
CA PHE A 158 -4.11 18.37 -24.05
C PHE A 158 -4.23 18.72 -22.58
N THR A 159 -5.46 18.98 -22.15
CA THR A 159 -5.74 19.36 -20.78
C THR A 159 -5.65 18.18 -19.78
N GLU A 160 -5.46 18.49 -18.49
CA GLU A 160 -5.39 17.43 -17.46
C GLU A 160 -6.70 16.65 -17.36
N LYS A 161 -7.81 17.34 -17.65
CA LYS A 161 -9.13 16.72 -17.60
C LYS A 161 -9.21 15.65 -18.67
N THR A 162 -8.71 15.99 -19.85
CA THR A 162 -8.71 15.09 -20.99
C THR A 162 -7.84 13.87 -20.66
N GLU A 163 -6.67 14.12 -20.11
CA GLU A 163 -5.75 13.05 -19.77
C GLU A 163 -6.33 12.14 -18.67
N ALA A 164 -6.98 12.76 -17.68
CA ALA A 164 -7.59 12.03 -16.56
C ALA A 164 -8.71 11.10 -16.98
N GLU A 165 -9.50 11.53 -17.94
CA GLU A 165 -10.61 10.72 -18.44
C GLU A 165 -10.05 9.55 -19.21
N PHE A 166 -8.98 9.79 -19.95
CA PHE A 166 -8.36 8.69 -20.69
C PHE A 166 -7.83 7.66 -19.69
N LEU A 167 -7.10 8.16 -18.69
CA LEU A 167 -6.53 7.31 -17.66
C LEU A 167 -7.60 6.54 -16.89
N LEU A 168 -8.70 7.22 -16.52
CA LEU A 168 -9.81 6.58 -15.80
C LEU A 168 -10.39 5.41 -16.57
N VAL A 169 -10.70 5.65 -17.84
CA VAL A 169 -11.27 4.62 -18.72
C VAL A 169 -10.29 3.48 -19.00
N ALA A 170 -9.06 3.81 -19.38
CA ALA A 170 -8.05 2.81 -19.69
C ALA A 170 -7.66 1.93 -18.49
N ILE A 171 -7.46 2.53 -17.32
CA ILE A 171 -7.11 1.77 -16.12
C ILE A 171 -8.18 0.76 -15.78
N GLN A 172 -9.43 1.22 -15.82
CA GLN A 172 -10.57 0.39 -15.49
C GLN A 172 -10.87 -0.69 -16.52
N MET A 173 -10.68 -0.40 -17.80
CA MET A 173 -10.96 -1.40 -18.84
C MET A 173 -9.79 -2.33 -19.07
N VAL A 174 -8.62 -1.94 -18.56
CA VAL A 174 -7.44 -2.78 -18.70
C VAL A 174 -7.00 -3.43 -17.37
N SER A 175 -6.52 -2.62 -16.43
CA SER A 175 -6.07 -3.16 -15.15
C SER A 175 -7.16 -3.78 -14.28
N GLU A 176 -8.24 -3.03 -14.08
CA GLU A 176 -9.33 -3.52 -13.26
C GLU A 176 -10.04 -4.73 -13.87
N ALA A 177 -10.19 -4.73 -15.19
CA ALA A 177 -10.84 -5.85 -15.89
C ALA A 177 -10.00 -7.13 -15.80
N ALA A 178 -8.68 -6.97 -15.87
CA ALA A 178 -7.76 -8.10 -15.75
C ALA A 178 -7.84 -8.72 -14.34
N ARG A 179 -7.93 -7.87 -13.33
CA ARG A 179 -8.01 -8.32 -11.93
C ARG A 179 -9.34 -8.99 -11.61
N PHE A 180 -10.43 -8.39 -12.09
CA PHE A 180 -11.77 -8.90 -11.80
C PHE A 180 -12.56 -9.42 -12.99
N LYS A 181 -13.02 -10.66 -12.87
CA LYS A 181 -13.85 -11.29 -13.90
C LYS A 181 -15.16 -10.50 -13.99
N TYR A 182 -15.68 -10.09 -12.85
CA TYR A 182 -16.92 -9.33 -12.79
C TYR A 182 -16.86 -8.10 -13.69
N ILE A 183 -15.77 -7.36 -13.57
CA ILE A 183 -15.56 -6.14 -14.36
C ILE A 183 -15.43 -6.42 -15.84
N GLU A 184 -14.75 -7.53 -16.20
CA GLU A 184 -14.61 -7.91 -17.58
C GLU A 184 -16.02 -8.16 -18.12
N ASN A 185 -16.81 -8.90 -17.34
CA ASN A 185 -18.18 -9.23 -17.72
C ASN A 185 -19.08 -8.02 -17.86
N GLN A 186 -18.82 -6.98 -17.08
CA GLN A 186 -19.62 -5.76 -17.17
C GLN A 186 -19.36 -5.11 -18.53
N VAL A 187 -18.10 -5.09 -18.95
CA VAL A 187 -17.69 -4.51 -20.22
C VAL A 187 -18.25 -5.32 -21.39
N LYS A 188 -18.21 -6.65 -21.27
CA LYS A 188 -18.71 -7.53 -22.31
C LYS A 188 -20.23 -7.39 -22.50
N THR A 189 -20.95 -7.21 -21.39
CA THR A 189 -22.40 -7.04 -21.42
C THR A 189 -22.80 -5.75 -22.14
N ASN A 190 -21.99 -4.70 -21.97
CA ASN A 190 -22.28 -3.41 -22.59
C ASN A 190 -21.24 -3.13 -23.66
N PHE A 191 -20.76 -4.18 -24.30
CA PHE A 191 -19.71 -4.06 -25.31
C PHE A 191 -19.91 -3.05 -26.44
N ASN A 192 -21.16 -2.87 -26.87
CA ASN A 192 -21.44 -1.97 -27.97
C ASN A 192 -21.98 -0.61 -27.58
N ARG A 193 -21.91 -0.30 -26.28
CA ARG A 193 -22.40 0.98 -25.77
C ARG A 193 -21.56 1.50 -24.62
N ALA A 194 -21.93 2.68 -24.13
CA ALA A 194 -21.27 3.29 -22.99
C ALA A 194 -22.08 2.88 -21.77
N PHE A 195 -21.43 2.79 -20.62
CA PHE A 195 -22.11 2.43 -19.39
C PHE A 195 -21.40 3.03 -18.19
N ASN A 196 -22.16 3.33 -17.14
CA ASN A 196 -21.61 3.89 -15.92
C ASN A 196 -21.18 2.72 -15.05
N PRO A 197 -19.93 2.75 -14.54
CA PRO A 197 -19.50 1.64 -13.69
C PRO A 197 -20.35 1.58 -12.40
N ASN A 198 -20.97 0.43 -12.13
CA ASN A 198 -21.83 0.28 -10.95
C ASN A 198 -21.12 0.26 -9.57
N PRO A 199 -21.90 0.30 -8.47
CA PRO A 199 -21.28 0.28 -7.13
C PRO A 199 -20.39 -0.92 -6.84
N LYS A 200 -20.72 -2.07 -7.44
CA LYS A 200 -19.92 -3.27 -7.26
C LYS A 200 -18.59 -3.22 -8.00
N VAL A 201 -18.56 -2.61 -9.19
CA VAL A 201 -17.30 -2.52 -9.92
C VAL A 201 -16.34 -1.58 -9.18
N LEU A 202 -16.86 -0.46 -8.68
CA LEU A 202 -16.03 0.51 -7.95
C LEU A 202 -15.57 -0.04 -6.61
N ASN A 203 -16.44 -0.78 -5.91
CA ASN A 203 -16.06 -1.34 -4.62
C ASN A 203 -14.95 -2.37 -4.80
N LEU A 204 -15.14 -3.27 -5.77
CA LEU A 204 -14.16 -4.31 -6.09
C LEU A 204 -12.81 -3.69 -6.34
N GLN A 205 -12.79 -2.58 -7.08
CA GLN A 205 -11.57 -1.86 -7.40
C GLN A 205 -10.87 -1.36 -6.13
N GLU A 206 -11.68 -0.81 -5.23
CA GLU A 206 -11.21 -0.24 -3.97
C GLU A 206 -10.91 -1.25 -2.85
N THR A 207 -11.34 -2.49 -3.01
CA THR A 207 -11.12 -3.49 -1.97
C THR A 207 -10.28 -4.67 -2.44
N TRP A 208 -9.70 -4.55 -3.62
CA TRP A 208 -8.87 -5.60 -4.22
C TRP A 208 -7.78 -6.14 -3.32
N GLY A 209 -6.97 -5.25 -2.76
CA GLY A 209 -5.89 -5.66 -1.86
C GLY A 209 -6.40 -6.38 -0.62
N LYS A 210 -7.51 -5.87 -0.09
CA LYS A 210 -8.18 -6.42 1.09
C LYS A 210 -8.65 -7.83 0.77
N ILE A 211 -9.35 -7.96 -0.35
CA ILE A 211 -9.86 -9.24 -0.84
C ILE A 211 -8.71 -10.25 -1.02
N SER A 212 -7.63 -9.79 -1.64
CA SER A 212 -6.47 -10.63 -1.91
C SER A 212 -5.81 -11.11 -0.61
N THR A 213 -5.68 -10.23 0.38
CA THR A 213 -5.10 -10.60 1.66
C THR A 213 -6.02 -11.61 2.36
N ALA A 214 -7.31 -11.32 2.36
CA ALA A 214 -8.30 -12.18 2.99
C ALA A 214 -8.30 -13.59 2.37
N ILE A 215 -8.14 -13.68 1.05
CA ILE A 215 -8.12 -14.98 0.38
C ILE A 215 -6.82 -15.72 0.68
N HIS A 216 -5.72 -14.98 0.67
CA HIS A 216 -4.41 -15.57 0.95
C HIS A 216 -4.40 -16.12 2.39
N ASP A 217 -4.95 -15.34 3.31
CA ASP A 217 -5.02 -15.69 4.72
C ASP A 217 -6.13 -16.66 5.11
N ALA A 218 -7.14 -16.80 4.25
CA ALA A 218 -8.28 -17.67 4.53
C ALA A 218 -7.85 -19.07 4.93
N LYS A 219 -8.48 -19.58 5.99
CA LYS A 219 -8.18 -20.90 6.52
C LYS A 219 -9.35 -21.79 6.18
N ASN A 220 -9.08 -22.83 5.42
CA ASN A 220 -10.10 -23.79 5.02
C ASN A 220 -11.29 -23.13 4.33
N GLY A 221 -11.01 -22.11 3.52
CA GLY A 221 -12.04 -21.41 2.78
C GLY A 221 -12.73 -20.29 3.52
N VAL A 222 -12.44 -20.17 4.80
CA VAL A 222 -13.04 -19.14 5.64
C VAL A 222 -12.13 -17.93 5.78
N LEU A 223 -12.65 -16.77 5.41
CA LEU A 223 -11.92 -15.52 5.51
C LEU A 223 -11.63 -15.25 6.97
N PRO A 224 -10.44 -14.74 7.29
CA PRO A 224 -10.00 -14.42 8.66
C PRO A 224 -11.09 -13.67 9.43
N LYS A 225 -11.69 -12.69 8.76
CA LYS A 225 -12.76 -11.88 9.32
C LYS A 225 -13.80 -11.62 8.26
N PRO A 226 -15.05 -11.37 8.68
CA PRO A 226 -16.08 -11.08 7.68
C PRO A 226 -15.65 -9.85 6.91
N LEU A 227 -15.71 -9.94 5.58
CA LEU A 227 -15.31 -8.84 4.71
C LEU A 227 -16.55 -8.14 4.16
N GLU A 228 -16.69 -6.86 4.45
CA GLU A 228 -17.82 -6.09 3.98
C GLU A 228 -17.55 -5.49 2.61
N LEU A 229 -18.38 -5.84 1.64
CA LEU A 229 -18.26 -5.34 0.28
C LEU A 229 -19.61 -4.71 -0.07
N VAL A 230 -19.84 -4.41 -1.35
CA VAL A 230 -21.12 -3.84 -1.81
C VAL A 230 -21.46 -4.39 -3.20
N ASP A 231 -22.69 -4.83 -3.36
CA ASP A 231 -23.13 -5.39 -4.63
C ASP A 231 -23.49 -4.36 -5.69
N ALA A 232 -23.95 -4.84 -6.85
CA ALA A 232 -24.31 -4.00 -7.98
C ALA A 232 -25.38 -2.95 -7.72
N SER A 233 -26.26 -3.21 -6.75
CA SER A 233 -27.31 -2.26 -6.41
C SER A 233 -26.83 -1.24 -5.39
N GLY A 234 -25.66 -1.49 -4.80
CA GLY A 234 -25.11 -0.60 -3.81
C GLY A 234 -25.34 -1.05 -2.37
N ALA A 235 -25.93 -2.23 -2.21
CA ALA A 235 -26.21 -2.80 -0.90
C ALA A 235 -24.99 -3.42 -0.24
N LYS A 236 -24.97 -3.40 1.09
CA LYS A 236 -23.87 -3.98 1.84
C LYS A 236 -23.86 -5.48 1.58
N TRP A 237 -22.70 -5.99 1.23
CA TRP A 237 -22.52 -7.39 0.90
C TRP A 237 -21.41 -8.01 1.76
N ILE A 238 -21.82 -8.69 2.83
CA ILE A 238 -20.87 -9.34 3.75
C ILE A 238 -20.48 -10.74 3.29
N VAL A 239 -19.21 -10.90 2.94
CA VAL A 239 -18.69 -12.19 2.50
C VAL A 239 -17.98 -12.88 3.66
N LEU A 240 -18.17 -14.18 3.78
CA LEU A 240 -17.54 -14.95 4.85
C LEU A 240 -16.60 -16.02 4.31
N ARG A 241 -16.86 -16.46 3.08
CA ARG A 241 -16.06 -17.52 2.46
C ARG A 241 -15.39 -17.09 1.17
N VAL A 242 -14.32 -17.80 0.81
CA VAL A 242 -13.60 -17.52 -0.43
C VAL A 242 -14.52 -17.81 -1.61
N ASP A 243 -15.33 -18.86 -1.49
CA ASP A 243 -16.27 -19.25 -2.53
C ASP A 243 -17.31 -18.20 -2.89
N GLU A 244 -17.53 -17.24 -1.99
CA GLU A 244 -18.49 -16.17 -2.17
C GLU A 244 -17.98 -14.96 -2.95
N ILE A 245 -16.66 -14.83 -3.09
CA ILE A 245 -16.09 -13.70 -3.80
C ILE A 245 -15.15 -14.11 -4.94
N LYS A 246 -14.69 -15.36 -4.88
CA LYS A 246 -13.78 -15.91 -5.89
C LYS A 246 -14.33 -15.87 -7.32
N PRO A 247 -15.66 -16.04 -7.49
CA PRO A 247 -16.13 -15.99 -8.88
C PRO A 247 -15.86 -14.64 -9.56
N ASP A 248 -15.75 -13.58 -8.77
CA ASP A 248 -15.50 -12.24 -9.31
C ASP A 248 -14.04 -11.88 -9.55
N VAL A 249 -13.13 -12.66 -8.96
CA VAL A 249 -11.71 -12.38 -9.06
C VAL A 249 -10.93 -13.25 -10.05
N ALA A 250 -10.19 -12.56 -10.92
CA ALA A 250 -9.35 -13.20 -11.90
C ALA A 250 -7.91 -13.35 -11.38
N LEU A 251 -7.38 -12.28 -10.78
CA LEU A 251 -6.02 -12.26 -10.24
C LEU A 251 -5.96 -11.69 -8.82
N LEU A 252 -5.03 -12.22 -8.01
CA LEU A 252 -4.86 -11.76 -6.64
C LEU A 252 -3.61 -10.91 -6.54
N ASN A 253 -3.67 -9.84 -5.73
CA ASN A 253 -2.50 -8.99 -5.54
C ASN A 253 -1.43 -9.85 -4.85
N TYR A 254 -0.17 -9.46 -4.97
CA TYR A 254 0.85 -10.26 -4.31
C TYR A 254 0.67 -10.17 -2.78
N VAL A 255 0.70 -11.33 -2.12
CA VAL A 255 0.60 -11.39 -0.67
C VAL A 255 1.63 -12.43 -0.25
N GLY A 256 2.59 -11.99 0.57
CA GLY A 256 3.65 -12.86 1.03
C GLY A 256 3.21 -13.96 1.95
N GLY A 257 3.91 -15.07 1.87
CA GLY A 257 3.61 -16.21 2.70
C GLY A 257 2.92 -17.33 1.95
N SER A 258 2.84 -18.48 2.59
CA SER A 258 2.19 -19.63 2.01
C SER A 258 0.69 -19.50 2.23
N CYS A 259 -0.08 -20.23 1.42
CA CYS A 259 -1.54 -20.20 1.51
C CYS A 259 -2.10 -21.51 0.96
N GLN A 260 -3.41 -21.69 1.13
CA GLN A 260 -4.11 -22.85 0.60
C GLN A 260 -4.15 -22.51 -0.89
N THR A 261 -3.29 -23.16 -1.68
CA THR A 261 -3.17 -22.90 -3.11
C THR A 261 -4.30 -23.37 -4.00
N THR A 262 -5.08 -24.34 -3.53
CA THR A 262 -6.19 -24.87 -4.30
C THR A 262 -7.54 -24.65 -3.60
N VAL B 1 20.24 10.68 9.05
CA VAL B 1 19.30 9.89 9.88
C VAL B 1 19.55 10.14 11.37
N ASN B 2 18.51 10.58 12.06
CA ASN B 2 18.59 10.86 13.48
C ASN B 2 17.96 9.70 14.25
N THR B 3 18.42 9.50 15.48
CA THR B 3 17.86 8.45 16.31
C THR B 3 17.31 9.02 17.62
N ILE B 4 16.14 8.50 17.99
CA ILE B 4 15.47 8.92 19.20
C ILE B 4 15.79 7.86 20.23
N ILE B 5 16.44 8.28 21.31
CA ILE B 5 16.83 7.37 22.38
C ILE B 5 15.77 7.32 23.50
N TYR B 6 15.20 6.15 23.71
CA TYR B 6 14.20 5.97 24.75
C TYR B 6 14.69 4.93 25.78
N ASN B 7 14.81 5.38 27.02
CA ASN B 7 15.22 4.52 28.12
C ASN B 7 13.98 3.74 28.60
N VAL B 8 13.87 2.49 28.19
CA VAL B 8 12.76 1.63 28.55
C VAL B 8 12.88 1.15 30.02
N GLY B 9 14.09 0.82 30.44
CA GLY B 9 14.33 0.32 31.79
C GLY B 9 13.95 1.26 32.92
N SER B 10 13.95 2.55 32.66
CA SER B 10 13.62 3.53 33.68
C SER B 10 12.92 4.72 33.04
N THR B 11 11.60 4.80 33.23
CA THR B 11 10.80 5.88 32.67
C THR B 11 9.60 6.30 33.48
N THR B 12 8.89 7.28 32.94
CA THR B 12 7.68 7.85 33.52
C THR B 12 6.76 8.13 32.31
N ILE B 13 5.47 8.36 32.55
CA ILE B 13 4.54 8.65 31.45
C ILE B 13 4.94 9.93 30.74
N SER B 14 5.68 10.78 31.47
CA SER B 14 6.13 12.05 30.94
C SER B 14 7.28 11.81 29.96
N LYS B 15 8.17 10.89 30.29
CA LYS B 15 9.28 10.59 29.41
C LYS B 15 8.83 9.80 28.20
N TYR B 16 7.75 9.04 28.35
CA TYR B 16 7.20 8.26 27.26
C TYR B 16 6.60 9.25 26.27
N ALA B 17 5.89 10.26 26.81
CA ALA B 17 5.26 11.31 26.00
C ALA B 17 6.30 12.13 25.24
N THR B 18 7.42 12.40 25.89
CA THR B 18 8.52 13.18 25.29
C THR B 18 9.09 12.37 24.13
N PHE B 19 9.29 11.09 24.37
CA PHE B 19 9.81 10.19 23.36
C PHE B 19 8.95 10.26 22.09
N LEU B 20 7.64 10.00 22.23
CA LEU B 20 6.71 10.04 21.10
C LEU B 20 6.65 11.38 20.40
N ASN B 21 6.75 12.47 21.18
CA ASN B 21 6.72 13.82 20.60
C ASN B 21 7.98 14.05 19.76
N ASP B 22 9.11 13.51 20.21
CA ASP B 22 10.38 13.63 19.50
C ASP B 22 10.37 12.77 18.24
N LEU B 23 9.80 11.58 18.34
CA LEU B 23 9.71 10.67 17.19
C LEU B 23 8.81 11.27 16.10
N ARG B 24 7.65 11.79 16.50
CA ARG B 24 6.72 12.39 15.57
C ARG B 24 7.34 13.61 14.89
N ASN B 25 8.03 14.44 15.66
CA ASN B 25 8.68 15.64 15.12
C ASN B 25 9.78 15.32 14.11
N GLU B 26 10.40 14.15 14.27
CA GLU B 26 11.47 13.71 13.40
C GLU B 26 10.93 12.99 12.16
N ALA B 27 9.86 12.21 12.36
CA ALA B 27 9.24 11.45 11.26
C ALA B 27 8.44 12.33 10.30
N LYS B 28 7.58 13.18 10.83
CA LYS B 28 6.73 14.06 10.02
C LYS B 28 7.50 14.93 9.04
N ASP B 29 6.82 15.36 7.99
CA ASP B 29 7.41 16.23 6.99
C ASP B 29 7.40 17.59 7.68
N PRO B 30 8.36 18.46 7.33
CA PRO B 30 8.36 19.77 7.99
C PRO B 30 7.17 20.69 7.73
N SER B 31 6.47 20.50 6.62
CA SER B 31 5.34 21.37 6.31
C SER B 31 4.03 20.68 5.92
N LEU B 32 4.11 19.45 5.41
CA LEU B 32 2.94 18.69 5.00
C LEU B 32 1.97 18.36 6.13
N LYS B 33 0.71 18.72 5.93
CA LYS B 33 -0.35 18.45 6.90
C LYS B 33 -1.74 18.74 6.35
N CYS B 34 -2.74 18.05 6.89
CA CYS B 34 -4.13 18.24 6.47
C CYS B 34 -5.00 18.39 7.71
N TYR B 35 -5.79 19.47 7.76
CA TYR B 35 -6.65 19.74 8.91
C TYR B 35 -5.87 19.84 10.21
N GLY B 36 -4.73 20.51 10.16
CA GLY B 36 -3.89 20.71 11.32
C GLY B 36 -3.16 19.49 11.83
N ILE B 37 -3.25 18.38 11.10
CA ILE B 37 -2.58 17.14 11.49
C ILE B 37 -1.36 16.92 10.61
N PRO B 38 -0.16 16.85 11.22
CA PRO B 38 1.06 16.64 10.43
C PRO B 38 1.05 15.30 9.68
N MET B 39 1.58 15.35 8.46
CA MET B 39 1.64 14.19 7.61
C MET B 39 3.08 13.76 7.37
N LEU B 40 3.28 12.47 7.11
CA LEU B 40 4.58 11.90 6.84
C LEU B 40 5.08 12.40 5.47
N PRO B 41 6.41 12.40 5.27
CA PRO B 41 6.93 12.88 3.99
C PRO B 41 6.81 11.98 2.74
N ASN B 42 7.04 12.60 1.59
CA ASN B 42 7.04 11.91 0.31
C ASN B 42 8.23 10.95 0.38
N THR B 43 8.16 9.82 -0.30
CA THR B 43 9.23 8.82 -0.30
C THR B 43 10.64 9.33 -0.64
N ASN B 44 10.75 10.39 -1.44
CA ASN B 44 12.08 10.87 -1.76
C ASN B 44 12.57 12.06 -0.97
N THR B 45 11.91 12.35 0.14
CA THR B 45 12.37 13.42 1.01
C THR B 45 13.42 12.75 1.89
N ASN B 46 14.57 13.40 2.02
CA ASN B 46 15.66 12.88 2.83
C ASN B 46 15.76 13.64 4.14
N PRO B 47 16.11 12.94 5.25
CA PRO B 47 16.40 11.51 5.25
C PRO B 47 15.11 10.71 5.12
N LYS B 48 15.24 9.49 4.62
CA LYS B 48 14.10 8.63 4.41
C LYS B 48 13.76 7.81 5.64
N TYR B 49 14.67 7.83 6.62
CA TYR B 49 14.49 7.03 7.81
C TYR B 49 14.72 7.77 9.12
N VAL B 50 14.38 7.09 10.20
CA VAL B 50 14.55 7.60 11.54
C VAL B 50 14.76 6.36 12.42
N LEU B 51 15.75 6.43 13.30
CA LEU B 51 16.06 5.32 14.19
C LEU B 51 15.48 5.56 15.58
N VAL B 52 15.19 4.47 16.28
CA VAL B 52 14.64 4.50 17.63
C VAL B 52 15.45 3.53 18.46
N GLU B 53 16.28 4.08 19.35
CA GLU B 53 17.11 3.26 20.23
C GLU B 53 16.40 2.98 21.56
N LEU B 54 15.95 1.74 21.72
CA LEU B 54 15.23 1.31 22.92
C LEU B 54 16.20 0.71 23.95
N GLN B 55 16.49 1.48 25.00
CA GLN B 55 17.40 1.05 26.04
C GLN B 55 16.70 0.34 27.20
N GLY B 56 16.77 -0.98 27.19
CA GLY B 56 16.16 -1.76 28.26
C GLY B 56 17.09 -2.01 29.44
N SER B 57 16.56 -2.68 30.46
CA SER B 57 17.32 -3.01 31.66
C SER B 57 18.43 -4.00 31.35
N ASN B 58 19.40 -4.07 32.25
CA ASN B 58 20.54 -4.98 32.14
C ASN B 58 21.35 -4.77 30.87
N LYS B 59 21.56 -3.51 30.53
CA LYS B 59 22.33 -3.13 29.34
C LYS B 59 21.89 -3.80 28.04
N LYS B 60 20.60 -4.13 27.93
CA LYS B 60 20.09 -4.75 26.71
C LYS B 60 19.40 -3.69 25.87
N THR B 61 19.95 -3.42 24.69
CA THR B 61 19.42 -2.40 23.79
C THR B 61 19.12 -2.96 22.39
N ILE B 62 18.08 -2.42 21.75
CA ILE B 62 17.68 -2.78 20.40
C ILE B 62 17.31 -1.48 19.70
N THR B 63 17.79 -1.29 18.46
CA THR B 63 17.48 -0.10 17.69
C THR B 63 16.57 -0.44 16.51
N LEU B 64 15.45 0.28 16.42
CA LEU B 64 14.48 0.09 15.37
C LEU B 64 14.71 1.04 14.21
N MET B 65 14.61 0.55 12.99
CA MET B 65 14.76 1.40 11.82
C MET B 65 13.36 1.63 11.23
N LEU B 66 12.96 2.87 11.10
CA LEU B 66 11.63 3.17 10.58
C LEU B 66 11.68 4.04 9.32
N ARG B 67 10.84 3.71 8.35
CA ARG B 67 10.76 4.51 7.12
C ARG B 67 9.86 5.69 7.45
N ARG B 68 10.35 6.91 7.24
CA ARG B 68 9.57 8.11 7.54
C ARG B 68 8.25 8.23 6.79
N ASN B 69 8.25 7.84 5.52
CA ASN B 69 7.08 7.91 4.66
C ASN B 69 5.83 7.21 5.20
N ASN B 70 5.99 6.04 5.81
CA ASN B 70 4.85 5.30 6.35
C ASN B 70 5.00 4.79 7.79
N LEU B 71 6.14 5.09 8.43
CA LEU B 71 6.45 4.67 9.79
C LEU B 71 6.52 3.18 10.03
N TYR B 72 6.67 2.40 8.97
CA TYR B 72 6.77 0.96 9.13
C TYR B 72 8.18 0.63 9.61
N VAL B 73 8.28 -0.37 10.46
CA VAL B 73 9.57 -0.82 10.99
C VAL B 73 10.15 -1.70 9.88
N MET B 74 11.35 -1.36 9.42
CA MET B 74 12.02 -2.10 8.36
C MET B 74 12.91 -3.22 8.89
N GLY B 75 13.32 -3.09 10.16
CA GLY B 75 14.17 -4.07 10.78
C GLY B 75 14.78 -3.45 12.03
N TYR B 76 15.67 -4.17 12.70
CA TYR B 76 16.31 -3.64 13.92
C TYR B 76 17.73 -4.17 14.12
N SER B 77 18.48 -3.53 15.01
CA SER B 77 19.84 -3.95 15.31
C SER B 77 20.00 -4.11 16.82
N ASP B 78 20.97 -4.91 17.22
CA ASP B 78 21.25 -5.13 18.64
C ASP B 78 22.76 -5.28 18.84
N PRO B 79 23.30 -4.73 19.94
CA PRO B 79 24.74 -4.90 20.12
C PRO B 79 24.94 -6.41 20.30
N PHE B 80 25.83 -6.98 19.51
CA PHE B 80 26.02 -8.42 19.56
C PHE B 80 27.45 -8.85 19.78
N GLU B 81 27.57 -9.99 20.47
CA GLU B 81 28.84 -10.60 20.81
C GLU B 81 29.85 -9.59 21.31
N THR B 82 31.07 -9.74 20.83
CA THR B 82 32.17 -8.88 21.21
C THR B 82 31.80 -7.40 21.11
N ASN B 83 31.98 -6.84 19.93
CA ASN B 83 31.71 -5.44 19.67
C ASN B 83 31.06 -5.31 18.31
N LYS B 84 30.21 -6.29 17.99
CA LYS B 84 29.52 -6.35 16.71
C LYS B 84 28.14 -5.69 16.75
N CYS B 85 27.64 -5.39 15.56
CA CYS B 85 26.34 -4.78 15.38
C CYS B 85 25.56 -5.78 14.55
N ARG B 86 24.58 -6.45 15.16
CA ARG B 86 23.79 -7.42 14.41
C ARG B 86 22.53 -6.77 13.86
N TYR B 87 22.41 -6.73 12.54
CA TYR B 87 21.24 -6.12 11.90
C TYR B 87 20.26 -7.20 11.41
N HIS B 88 18.96 -6.94 11.59
CA HIS B 88 17.89 -7.86 11.20
C HIS B 88 16.93 -7.15 10.25
N ILE B 89 16.91 -7.58 8.99
CA ILE B 89 16.03 -6.97 7.99
C ILE B 89 14.79 -7.83 7.80
N PHE B 90 13.63 -7.19 7.71
CA PHE B 90 12.35 -7.88 7.50
C PHE B 90 12.33 -8.55 6.11
N ASN B 91 11.70 -9.71 6.05
CA ASN B 91 11.60 -10.47 4.80
C ASN B 91 10.99 -9.65 3.68
N ASP B 92 10.20 -8.64 4.02
CA ASP B 92 9.55 -7.81 3.02
C ASP B 92 10.28 -6.55 2.57
N ILE B 93 11.56 -6.42 2.93
CA ILE B 93 12.33 -5.25 2.49
C ILE B 93 13.08 -5.76 1.25
N SER B 94 13.01 -5.01 0.16
CA SER B 94 13.65 -5.39 -1.09
C SER B 94 14.55 -4.29 -1.62
N GLY B 95 15.24 -4.63 -2.70
CA GLY B 95 16.14 -3.70 -3.38
C GLY B 95 17.15 -2.95 -2.55
N THR B 96 17.35 -1.69 -2.92
CA THR B 96 18.31 -0.83 -2.24
C THR B 96 17.96 -0.57 -0.79
N GLU B 97 16.69 -0.69 -0.43
CA GLU B 97 16.30 -0.48 0.95
C GLU B 97 16.93 -1.53 1.86
N ARG B 98 17.33 -2.66 1.29
CA ARG B 98 17.96 -3.72 2.06
C ARG B 98 19.38 -3.37 2.50
N GLN B 99 20.16 -2.76 1.60
CA GLN B 99 21.52 -2.35 1.95
C GLN B 99 21.39 -1.12 2.81
N ASP B 100 20.26 -0.42 2.69
CA ASP B 100 20.01 0.78 3.50
C ASP B 100 19.82 0.44 4.97
N VAL B 101 19.12 -0.66 5.24
CA VAL B 101 18.87 -1.10 6.60
C VAL B 101 20.18 -1.53 7.23
N GLU B 102 21.00 -2.20 6.41
CA GLU B 102 22.31 -2.68 6.83
C GLU B 102 23.27 -1.53 7.15
N THR B 103 23.42 -0.60 6.21
CA THR B 103 24.33 0.54 6.39
C THR B 103 23.84 1.65 7.33
N THR B 104 22.52 1.76 7.51
CA THR B 104 21.97 2.79 8.39
C THR B 104 22.04 2.31 9.84
N LEU B 105 21.62 1.07 10.07
CA LEU B 105 21.62 0.50 11.42
C LEU B 105 23.03 0.24 11.92
N CYS B 106 23.86 -0.33 11.06
CA CYS B 106 25.25 -0.65 11.37
C CYS B 106 26.20 0.03 10.40
N PRO B 107 26.54 1.31 10.66
CA PRO B 107 27.43 2.10 9.81
C PRO B 107 28.85 1.53 9.63
N ASN B 108 29.34 0.81 10.64
CA ASN B 108 30.67 0.22 10.59
C ASN B 108 30.57 -1.10 9.84
N ALA B 109 31.10 -1.10 8.63
CA ALA B 109 31.10 -2.28 7.75
C ALA B 109 32.03 -3.37 8.25
N ASN B 110 33.05 -2.96 9.01
CA ASN B 110 34.03 -3.89 9.55
C ASN B 110 33.53 -4.76 10.71
N SER B 111 32.48 -4.33 11.40
CA SER B 111 31.98 -5.09 12.54
C SER B 111 30.50 -5.49 12.53
N ARG B 112 29.80 -5.28 11.42
CA ARG B 112 28.40 -5.67 11.39
C ARG B 112 28.19 -7.13 11.02
N VAL B 113 27.10 -7.69 11.52
CA VAL B 113 26.77 -9.06 11.25
C VAL B 113 25.26 -9.17 11.03
N SER B 114 24.86 -10.06 10.13
CA SER B 114 23.46 -10.25 9.76
C SER B 114 22.72 -11.39 10.42
N LYS B 115 21.43 -11.15 10.64
CA LYS B 115 20.50 -12.13 11.18
C LYS B 115 19.11 -11.67 10.76
N ASN B 116 18.67 -12.17 9.61
CA ASN B 116 17.39 -11.81 9.04
C ASN B 116 16.18 -12.15 9.89
N ILE B 117 15.10 -11.44 9.62
CA ILE B 117 13.80 -11.67 10.24
C ILE B 117 13.16 -12.44 9.07
N ASN B 118 13.12 -13.77 9.19
CA ASN B 118 12.60 -14.64 8.13
C ASN B 118 11.12 -14.68 7.87
N PHE B 119 10.47 -13.53 8.04
CA PHE B 119 9.04 -13.40 7.79
C PHE B 119 8.75 -11.91 7.60
N ASP B 120 7.63 -11.58 6.95
CA ASP B 120 7.31 -10.18 6.73
C ASP B 120 6.69 -9.53 7.97
N SER B 121 6.46 -8.22 7.89
CA SER B 121 5.92 -7.46 9.00
C SER B 121 4.40 -7.34 9.15
N ARG B 122 3.63 -8.05 8.32
CA ARG B 122 2.16 -7.98 8.41
C ARG B 122 1.70 -8.50 9.76
N TYR B 123 0.69 -7.86 10.34
CA TYR B 123 0.14 -8.30 11.61
C TYR B 123 -0.30 -9.75 11.56
N PRO B 124 -0.90 -10.19 10.42
CA PRO B 124 -1.30 -11.60 10.40
C PRO B 124 -0.12 -12.56 10.42
N THR B 125 1.02 -12.10 9.91
CA THR B 125 2.24 -12.90 9.91
C THR B 125 2.80 -12.96 11.34
N LEU B 126 2.94 -11.79 11.95
CA LEU B 126 3.46 -11.67 13.31
C LEU B 126 2.60 -12.45 14.30
N GLU B 127 1.28 -12.43 14.10
CA GLU B 127 0.35 -13.13 14.97
C GLU B 127 0.54 -14.62 14.83
N SER B 128 0.78 -15.06 13.58
CA SER B 128 0.99 -16.47 13.31
C SER B 128 2.28 -16.96 13.97
N LYS B 129 3.33 -16.17 13.86
CA LYS B 129 4.61 -16.53 14.47
C LYS B 129 4.51 -16.57 16.00
N ALA B 130 3.75 -15.63 16.56
CA ALA B 130 3.56 -15.53 18.00
C ALA B 130 2.62 -16.61 18.53
N GLY B 131 2.05 -17.39 17.61
CA GLY B 131 1.15 -18.47 17.98
C GLY B 131 -0.20 -18.03 18.53
N VAL B 132 -0.70 -16.89 18.07
CA VAL B 132 -1.99 -16.39 18.53
C VAL B 132 -2.92 -16.07 17.37
N LYS B 133 -4.22 -16.13 17.61
CA LYS B 133 -5.22 -15.84 16.59
C LYS B 133 -5.34 -14.33 16.42
N SER B 134 -5.09 -13.61 17.49
CA SER B 134 -5.15 -12.14 17.46
C SER B 134 -4.11 -11.56 18.40
N ARG B 135 -3.56 -10.42 18.01
CA ARG B 135 -2.53 -9.74 18.79
C ARG B 135 -3.16 -9.14 20.06
N SER B 136 -4.48 -9.28 20.17
CA SER B 136 -5.23 -8.79 21.32
C SER B 136 -4.90 -9.71 22.51
N GLN B 137 -4.45 -10.92 22.18
CA GLN B 137 -4.06 -11.93 23.17
C GLN B 137 -2.65 -11.68 23.69
N VAL B 138 -1.90 -10.82 22.99
CA VAL B 138 -0.53 -10.49 23.38
C VAL B 138 -0.58 -9.13 24.09
N GLN B 139 -0.33 -9.14 25.40
CA GLN B 139 -0.36 -7.91 26.17
C GLN B 139 0.83 -7.01 25.86
N LEU B 140 0.56 -5.71 25.99
CA LEU B 140 1.54 -4.67 25.78
C LEU B 140 1.89 -4.14 27.16
N GLY B 141 2.95 -3.34 27.26
CA GLY B 141 3.35 -2.78 28.55
C GLY B 141 4.83 -2.45 28.56
N ILE B 142 5.21 -1.45 29.36
CA ILE B 142 6.59 -1.01 29.47
C ILE B 142 7.51 -2.17 29.88
N GLN B 143 7.13 -2.83 30.96
CA GLN B 143 7.89 -3.95 31.47
C GLN B 143 7.88 -5.15 30.51
N ILE B 144 6.81 -5.30 29.74
CA ILE B 144 6.73 -6.39 28.78
C ILE B 144 7.69 -6.09 27.65
N LEU B 145 7.77 -4.82 27.26
CA LEU B 145 8.67 -4.38 26.20
C LEU B 145 10.14 -4.63 26.62
N ASP B 146 10.43 -4.26 27.86
CA ASP B 146 11.76 -4.41 28.47
C ASP B 146 12.17 -5.88 28.47
N SER B 147 11.25 -6.73 28.86
CA SER B 147 11.48 -8.16 28.92
C SER B 147 11.76 -8.77 27.54
N ASN B 148 11.04 -8.31 26.53
CA ASN B 148 11.23 -8.82 25.16
C ASN B 148 12.55 -8.34 24.57
N ILE B 149 12.94 -7.12 24.90
CA ILE B 149 14.22 -6.59 24.43
C ILE B 149 15.33 -7.50 24.95
N GLY B 150 15.27 -7.81 26.25
CA GLY B 150 16.25 -8.67 26.86
C GLY B 150 16.30 -10.09 26.33
N LYS B 151 15.19 -10.56 25.77
CA LYS B 151 15.14 -11.91 25.21
C LYS B 151 15.82 -11.98 23.84
N ILE B 152 15.95 -10.81 23.20
CA ILE B 152 16.54 -10.71 21.86
C ILE B 152 17.97 -10.15 21.81
N SER B 153 18.15 -8.98 22.42
CA SER B 153 19.40 -8.24 22.46
C SER B 153 20.61 -9.05 22.96
N GLY B 154 21.59 -9.24 22.08
CA GLY B 154 22.78 -9.99 22.43
C GLY B 154 22.66 -11.49 22.38
N VAL B 155 21.44 -12.02 22.27
CA VAL B 155 21.24 -13.46 22.24
C VAL B 155 21.37 -14.07 20.85
N MET B 156 22.30 -15.01 20.72
CA MET B 156 22.59 -15.67 19.47
C MET B 156 21.37 -16.31 18.83
N SER B 157 20.74 -17.23 19.57
CA SER B 157 19.57 -17.93 19.07
C SER B 157 18.34 -17.60 19.89
N PHE B 158 17.24 -17.41 19.18
CA PHE B 158 15.94 -17.13 19.76
C PHE B 158 14.92 -17.60 18.75
N THR B 159 13.81 -18.11 19.23
CA THR B 159 12.78 -18.63 18.37
C THR B 159 11.99 -17.53 17.62
N GLU B 160 11.29 -17.91 16.53
CA GLU B 160 10.50 -16.95 15.75
C GLU B 160 9.36 -16.37 16.58
N LYS B 161 8.84 -17.18 17.50
CA LYS B 161 7.76 -16.78 18.39
C LYS B 161 8.26 -15.67 19.30
N THR B 162 9.46 -15.84 19.83
CA THR B 162 10.07 -14.85 20.71
C THR B 162 10.30 -13.54 19.97
N GLU B 163 10.79 -13.63 18.74
CA GLU B 163 11.07 -12.44 17.95
C GLU B 163 9.77 -11.75 17.56
N ALA B 164 8.75 -12.53 17.23
CA ALA B 164 7.43 -11.99 16.85
C ALA B 164 6.75 -11.24 17.99
N GLU B 165 6.86 -11.76 19.20
CA GLU B 165 6.28 -11.11 20.37
C GLU B 165 6.98 -9.78 20.64
N PHE B 166 8.30 -9.74 20.43
CA PHE B 166 9.04 -8.51 20.62
C PHE B 166 8.58 -7.49 19.57
N LEU B 167 8.54 -7.95 18.33
CA LEU B 167 8.13 -7.14 17.19
C LEU B 167 6.72 -6.61 17.37
N LEU B 168 5.82 -7.46 17.85
CA LEU B 168 4.43 -7.08 18.08
C LEU B 168 4.33 -5.95 19.11
N VAL B 169 4.99 -6.13 20.25
CA VAL B 169 4.97 -5.12 21.32
C VAL B 169 5.66 -3.83 20.90
N ALA B 170 6.85 -3.95 20.31
CA ALA B 170 7.63 -2.79 19.90
C ALA B 170 6.99 -1.96 18.79
N ILE B 171 6.41 -2.61 17.80
CA ILE B 171 5.76 -1.90 16.69
C ILE B 171 4.59 -1.09 17.19
N GLN B 172 3.77 -1.71 18.04
CA GLN B 172 2.60 -1.07 18.62
C GLN B 172 2.91 0.07 19.60
N MET B 173 3.90 -0.14 20.46
CA MET B 173 4.28 0.87 21.46
C MET B 173 5.12 1.99 20.87
N VAL B 174 5.67 1.76 19.69
CA VAL B 174 6.48 2.79 19.05
C VAL B 174 5.76 3.38 17.83
N SER B 175 5.63 2.62 16.76
CA SER B 175 5.01 3.12 15.53
C SER B 175 3.52 3.45 15.64
N GLU B 176 2.74 2.53 16.22
CA GLU B 176 1.32 2.78 16.36
C GLU B 176 1.01 3.91 17.33
N ALA B 177 1.79 4.01 18.42
CA ALA B 177 1.56 5.09 19.39
C ALA B 177 1.93 6.46 18.82
N ALA B 178 2.97 6.51 17.97
CA ALA B 178 3.38 7.77 17.36
C ALA B 178 2.31 8.25 16.36
N ARG B 179 1.67 7.30 15.69
CA ARG B 179 0.63 7.60 14.71
C ARG B 179 -0.65 8.02 15.39
N PHE B 180 -1.00 7.33 16.47
CA PHE B 180 -2.25 7.59 17.18
C PHE B 180 -2.13 8.07 18.62
N LYS B 181 -2.74 9.22 18.90
CA LYS B 181 -2.77 9.79 20.25
C LYS B 181 -3.53 8.82 21.15
N TYR B 182 -4.56 8.19 20.59
CA TYR B 182 -5.38 7.24 21.34
C TYR B 182 -4.56 6.11 21.91
N ILE B 183 -3.69 5.55 21.07
CA ILE B 183 -2.83 4.44 21.47
C ILE B 183 -1.78 4.89 22.51
N GLU B 184 -1.25 6.11 22.36
CA GLU B 184 -0.27 6.63 23.32
C GLU B 184 -0.96 6.69 24.67
N ASN B 185 -2.18 7.24 24.67
CA ASN B 185 -2.96 7.39 25.89
C ASN B 185 -3.32 6.06 26.55
N GLN B 186 -3.49 5.02 25.75
CA GLN B 186 -3.81 3.69 26.28
C GLN B 186 -2.59 3.17 27.06
N VAL B 187 -1.40 3.45 26.53
CA VAL B 187 -0.15 3.03 27.16
C VAL B 187 0.08 3.82 28.44
N LYS B 188 -0.18 5.13 28.39
CA LYS B 188 -0.01 5.99 29.55
C LYS B 188 -0.96 5.61 30.70
N THR B 189 -2.20 5.29 30.35
CA THR B 189 -3.21 4.88 31.32
C THR B 189 -2.82 3.59 32.04
N ASN B 190 -2.18 2.67 31.32
CA ASN B 190 -1.76 1.41 31.90
C ASN B 190 -0.24 1.35 32.01
N PHE B 191 0.38 2.51 32.18
CA PHE B 191 1.84 2.61 32.23
C PHE B 191 2.63 1.69 33.16
N ASN B 192 2.05 1.36 34.30
CA ASN B 192 2.74 0.52 35.26
C ASN B 192 2.30 -0.92 35.28
N ARG B 193 1.56 -1.31 34.23
CA ARG B 193 1.06 -2.67 34.10
C ARG B 193 0.96 -3.13 32.67
N ALA B 194 0.61 -4.40 32.51
CA ALA B 194 0.42 -4.97 31.20
C ALA B 194 -1.08 -4.82 30.87
N PHE B 195 -1.40 -4.69 29.60
CA PHE B 195 -2.78 -4.54 29.17
C PHE B 195 -2.98 -5.11 27.77
N ASN B 196 -4.17 -5.65 27.52
CA ASN B 196 -4.49 -6.20 26.21
C ASN B 196 -4.97 -5.06 25.34
N PRO B 197 -4.39 -4.93 24.13
CA PRO B 197 -4.83 -3.84 23.24
C PRO B 197 -6.32 -4.03 22.88
N ASN B 198 -7.15 -3.01 23.16
CA ASN B 198 -8.59 -3.10 22.90
C ASN B 198 -9.01 -3.06 21.41
N PRO B 199 -10.30 -3.30 21.12
CA PRO B 199 -10.76 -3.29 19.72
C PRO B 199 -10.57 -1.98 18.95
N LYS B 200 -10.51 -0.86 19.67
CA LYS B 200 -10.29 0.41 19.01
C LYS B 200 -8.81 0.57 18.64
N VAL B 201 -7.91 0.16 19.54
CA VAL B 201 -6.48 0.30 19.23
C VAL B 201 -6.14 -0.53 17.98
N LEU B 202 -6.64 -1.76 17.92
CA LEU B 202 -6.40 -2.64 16.77
C LEU B 202 -7.05 -2.13 15.48
N ASN B 203 -8.24 -1.56 15.59
CA ASN B 203 -8.92 -1.04 14.41
C ASN B 203 -8.17 0.16 13.86
N LEU B 204 -7.78 1.06 14.77
CA LEU B 204 -7.03 2.25 14.41
C LEU B 204 -5.79 1.87 13.63
N GLN B 205 -5.10 0.83 14.07
CA GLN B 205 -3.89 0.36 13.41
C GLN B 205 -4.21 -0.13 11.99
N GLU B 206 -5.26 -0.92 11.88
CA GLU B 206 -5.70 -1.49 10.60
C GLU B 206 -6.38 -0.53 9.62
N THR B 207 -6.80 0.65 10.10
CA THR B 207 -7.49 1.61 9.25
C THR B 207 -6.76 2.94 9.09
N TRP B 208 -5.50 2.98 9.51
CA TRP B 208 -4.69 4.20 9.45
C TRP B 208 -4.62 4.83 8.06
N GLY B 209 -4.28 4.00 7.08
CA GLY B 209 -4.16 4.48 5.70
C GLY B 209 -5.47 5.03 5.17
N LYS B 210 -6.56 4.33 5.51
CA LYS B 210 -7.92 4.70 5.12
C LYS B 210 -8.28 6.05 5.72
N ILE B 211 -8.03 6.17 7.03
CA ILE B 211 -8.28 7.39 7.79
C ILE B 211 -7.47 8.55 7.20
N SER B 212 -6.20 8.29 6.91
CA SER B 212 -5.31 9.30 6.36
C SER B 212 -5.77 9.83 5.01
N THR B 213 -6.19 8.94 4.14
CA THR B 213 -6.68 9.33 2.81
C THR B 213 -7.98 10.12 2.97
N ALA B 214 -8.88 9.59 3.80
CA ALA B 214 -10.17 10.22 4.06
C ALA B 214 -10.03 11.64 4.60
N ILE B 215 -9.00 11.87 5.41
CA ILE B 215 -8.78 13.19 5.98
C ILE B 215 -8.16 14.10 4.92
N HIS B 216 -7.25 13.55 4.13
CA HIS B 216 -6.60 14.32 3.07
C HIS B 216 -7.64 14.73 2.00
N ASP B 217 -8.55 13.82 1.71
CA ASP B 217 -9.56 14.04 0.69
C ASP B 217 -10.83 14.72 1.21
N ALA B 218 -10.92 14.89 2.53
CA ALA B 218 -12.07 15.52 3.15
C ALA B 218 -12.28 16.92 2.60
N LYS B 219 -13.53 17.25 2.30
CA LYS B 219 -13.89 18.57 1.76
C LYS B 219 -14.64 19.31 2.87
N ASN B 220 -14.11 20.47 3.26
CA ASN B 220 -14.73 21.27 4.32
C ASN B 220 -15.01 20.48 5.60
N GLY B 221 -14.08 19.57 5.93
CA GLY B 221 -14.22 18.76 7.13
C GLY B 221 -15.04 17.50 7.00
N VAL B 222 -15.68 17.32 5.86
CA VAL B 222 -16.51 16.16 5.62
C VAL B 222 -15.74 15.09 4.85
N LEU B 223 -15.73 13.88 5.40
CA LEU B 223 -15.06 12.76 4.77
C LEU B 223 -15.81 12.39 3.48
N PRO B 224 -15.07 12.08 2.41
CA PRO B 224 -15.63 11.70 1.10
C PRO B 224 -16.81 10.74 1.23
N LYS B 225 -16.64 9.75 2.11
CA LYS B 225 -17.66 8.74 2.40
C LYS B 225 -17.66 8.42 3.88
N PRO B 226 -18.79 7.92 4.40
CA PRO B 226 -18.84 7.58 5.82
C PRO B 226 -17.80 6.49 6.09
N LEU B 227 -16.96 6.71 7.08
CA LEU B 227 -15.90 5.77 7.43
C LEU B 227 -16.31 4.89 8.62
N GLU B 228 -16.38 3.58 8.42
CA GLU B 228 -16.76 2.67 9.49
C GLU B 228 -15.54 2.22 10.29
N LEU B 229 -15.54 2.55 11.57
CA LEU B 229 -14.45 2.17 12.48
C LEU B 229 -15.10 1.39 13.62
N VAL B 230 -14.34 1.15 14.70
CA VAL B 230 -14.88 0.44 15.87
C VAL B 230 -14.29 1.04 17.14
N ASP B 231 -15.15 1.28 18.11
CA ASP B 231 -14.72 1.87 19.38
C ASP B 231 -14.08 0.86 20.33
N ALA B 232 -13.73 1.35 21.52
CA ALA B 232 -13.08 0.55 22.56
C ALA B 232 -13.88 -0.66 23.03
N SER B 233 -15.20 -0.60 22.92
CA SER B 233 -16.05 -1.72 23.33
C SER B 233 -16.20 -2.73 22.21
N GLY B 234 -15.82 -2.34 21.01
CA GLY B 234 -15.92 -3.25 19.86
C GLY B 234 -17.16 -2.97 19.03
N ALA B 235 -17.81 -1.84 19.30
CA ALA B 235 -19.01 -1.45 18.57
C ALA B 235 -18.66 -0.68 17.29
N LYS B 236 -19.50 -0.83 16.27
CA LYS B 236 -19.32 -0.13 15.01
C LYS B 236 -19.41 1.36 15.25
N TRP B 237 -18.41 2.08 14.79
CA TRP B 237 -18.32 3.52 14.98
C TRP B 237 -18.22 4.22 13.62
N ILE B 238 -19.33 4.79 13.15
CA ILE B 238 -19.37 5.50 11.87
C ILE B 238 -18.99 6.96 12.00
N VAL B 239 -17.87 7.33 11.36
CA VAL B 239 -17.37 8.69 11.39
C VAL B 239 -17.74 9.40 10.10
N LEU B 240 -18.18 10.64 10.22
CA LEU B 240 -18.57 11.43 9.06
C LEU B 240 -17.68 12.63 8.86
N ARG B 241 -17.18 13.18 9.97
CA ARG B 241 -16.34 14.36 9.90
C ARG B 241 -14.93 14.13 10.43
N VAL B 242 -14.00 14.99 9.99
CA VAL B 242 -12.61 14.93 10.41
C VAL B 242 -12.53 15.21 11.92
N ASP B 243 -13.38 16.11 12.42
CA ASP B 243 -13.41 16.45 13.84
C ASP B 243 -13.71 15.26 14.75
N GLU B 244 -14.37 14.24 14.19
CA GLU B 244 -14.75 13.06 14.94
C GLU B 244 -13.63 12.04 15.16
N ILE B 245 -12.62 12.04 14.29
CA ILE B 245 -11.54 11.07 14.39
C ILE B 245 -10.17 11.70 14.65
N LYS B 246 -10.05 12.99 14.34
CA LYS B 246 -8.83 13.76 14.53
C LYS B 246 -8.25 13.75 15.93
N PRO B 247 -9.11 13.73 16.97
CA PRO B 247 -8.52 13.72 18.31
C PRO B 247 -7.65 12.49 18.55
N ASP B 248 -7.97 11.39 17.88
CA ASP B 248 -7.22 10.14 18.00
C ASP B 248 -5.96 10.04 17.15
N VAL B 249 -5.80 10.92 16.17
CA VAL B 249 -4.66 10.88 15.26
C VAL B 249 -3.59 11.93 15.49
N ALA B 250 -2.35 11.46 15.60
CA ALA B 250 -1.19 12.31 15.80
C ALA B 250 -0.49 12.57 14.46
N LEU B 251 -0.36 11.54 13.61
CA LEU B 251 0.30 11.67 12.29
C LEU B 251 -0.51 11.02 11.18
N LEU B 252 -0.45 11.61 10.00
CA LEU B 252 -1.17 11.10 8.84
C LEU B 252 -0.20 10.43 7.87
N ASN B 253 -0.59 9.29 7.30
CA ASN B 253 0.25 8.61 6.31
C ASN B 253 0.40 9.57 5.13
N TYR B 254 1.48 9.43 4.38
CA TYR B 254 1.65 10.30 3.23
C TYR B 254 0.55 10.02 2.21
N VAL B 255 -0.13 11.09 1.77
CA VAL B 255 -1.19 11.00 0.75
C VAL B 255 -0.88 12.12 -0.23
N GLY B 256 -0.74 11.75 -1.51
CA GLY B 256 -0.41 12.73 -2.54
C GLY B 256 -1.50 13.72 -2.86
N GLY B 257 -1.08 14.92 -3.25
CA GLY B 257 -2.02 15.97 -3.61
C GLY B 257 -2.20 17.03 -2.54
N SER B 258 -2.88 18.10 -2.91
CA SER B 258 -3.15 19.19 -1.98
C SER B 258 -4.35 18.82 -1.12
N CYS B 259 -4.47 19.48 0.01
CA CYS B 259 -5.57 19.22 0.93
C CYS B 259 -5.84 20.45 1.76
N GLN B 260 -6.92 20.39 2.53
CA GLN B 260 -7.27 21.50 3.43
C GLN B 260 -6.24 21.28 4.54
N THR B 261 -5.25 22.17 4.59
CA THR B 261 -4.15 22.05 5.55
C THR B 261 -4.45 22.41 7.00
N THR B 262 -5.47 23.24 7.22
CA THR B 262 -5.83 23.64 8.57
C THR B 262 -7.23 23.22 9.03
#